data_6CE2
#
_entry.id   6CE2
#
_cell.length_a   48.748
_cell.length_b   60.283
_cell.length_c   102.275
_cell.angle_alpha   90.000
_cell.angle_beta   90.000
_cell.angle_gamma   90.000
#
_symmetry.space_group_name_H-M   'P 21 21 21'
#
loop_
_entity.id
_entity.type
_entity.pdbx_description
1 polymer 'Basic phospholipase A2 homolog 1'
2 non-polymer 2-{2-[2-(2-{2-[2-(2-ETHOXY-ETHOXY)-ETHOXY]-ETHOXY}-ETHOXY)-ETHOXY]-ETHOXY}-ETHANOL
3 non-polymer "8,8'-[CARBONYLBIS[IMINO-3,1-PHENYLENECARBONYLIMINO(4-METHYL-3,1-PHENYLENE)CARBONYLIMINO]]BIS-1,3,5-NAPHTHALENETRISULFON IC ACID"
4 water water
#
_entity_poly.entity_id   1
_entity_poly.type   'polypeptide(L)'
_entity_poly.pdbx_seq_one_letter_code
;SLVELGKMILQETGKNPVKSYGAYGCNCGVLGRGKPKDATDRCCYVHKCCYKKLTNCNPKKDRYSYDWKNKTIVCGEENP
CLKQLCECDKAVAICLRENKGTYNKKRDVYLKPFCDKGRDC
;
_entity_poly.pdbx_strand_id   A,B
#
loop_
_chem_comp.id
_chem_comp.type
_chem_comp.name
_chem_comp.formula
PE4 non-polymer 2-{2-[2-(2-{2-[2-(2-ETHOXY-ETHOXY)-ETHOXY]-ETHOXY}-ETHOXY)-ETHOXY]-ETHOXY}-ETHANOL 'C16 H34 O8'
SVR non-polymer '8,8'-[CARBONYLBIS[IMINO-3,1-PHENYLENECARBONYLIMINO(4-METHYL-3,1-PHENYLENE)CARBONYLIMINO]]BIS-1,3,5-NAPHTHALENETRISULFON IC ACID' 'C51 H40 N6 O23 S6'
#
# COMPACT_ATOMS: atom_id res chain seq x y z
N SER A 1 11.32 7.45 2.57
CA SER A 1 10.69 6.23 2.09
C SER A 1 9.54 5.80 3.01
N LEU A 2 8.96 4.64 2.70
CA LEU A 2 7.91 4.08 3.54
C LEU A 2 8.39 3.87 4.97
N VAL A 3 9.67 3.52 5.15
CA VAL A 3 10.21 3.27 6.47
C VAL A 3 10.18 4.54 7.32
N GLU A 4 10.65 5.65 6.75
CA GLU A 4 10.67 6.91 7.50
C GLU A 4 9.25 7.41 7.75
N LEU A 5 8.37 7.30 6.75
CA LEU A 5 6.99 7.76 6.90
C LEU A 5 6.29 7.02 8.03
N GLY A 6 6.38 5.69 8.03
CA GLY A 6 5.75 4.92 9.09
C GLY A 6 6.35 5.19 10.46
N LYS A 7 7.67 5.36 10.51
CA LYS A 7 8.33 5.65 11.79
C LYS A 7 7.87 6.99 12.35
N MET A 8 7.69 7.99 11.49
CA MET A 8 7.22 9.30 11.95
C MET A 8 5.82 9.21 12.52
N ILE A 9 4.92 8.52 11.82
CA ILE A 9 3.53 8.40 12.28
C ILE A 9 3.48 7.70 13.62
N LEU A 10 4.31 6.68 13.80
CA LEU A 10 4.38 6.00 15.09
C LEU A 10 4.87 6.95 16.19
N GLN A 11 5.89 7.76 15.90
CA GLN A 11 6.44 8.63 16.93
C GLN A 11 5.47 9.73 17.32
N GLU A 12 4.68 10.22 16.36
CA GLU A 12 3.75 11.31 16.67
C GLU A 12 2.47 10.77 17.29
N THR A 13 1.85 9.77 16.68
CA THR A 13 0.55 9.28 17.14
C THR A 13 0.65 8.19 18.19
N GLY A 14 1.74 7.42 18.19
CA GLY A 14 1.81 6.25 19.04
C GLY A 14 1.07 5.05 18.53
N LYS A 15 0.55 5.11 17.31
CA LYS A 15 -0.23 4.04 16.72
C LYS A 15 0.61 3.26 15.70
N ASN A 16 0.24 2.00 15.52
CA ASN A 16 0.77 1.20 14.41
C ASN A 16 0.34 1.86 13.11
N PRO A 17 1.27 2.41 12.33
CA PRO A 17 0.87 3.16 11.13
C PRO A 17 0.11 2.34 10.11
N VAL A 18 0.49 1.08 9.90
CA VAL A 18 -0.18 0.25 8.91
C VAL A 18 -1.57 -0.18 9.39
N LYS A 19 -1.66 -0.62 10.65
CA LYS A 19 -2.95 -1.08 11.16
C LYS A 19 -3.93 0.06 11.35
N SER A 20 -3.45 1.25 11.69
CA SER A 20 -4.32 2.39 11.96
C SER A 20 -4.58 3.25 10.73
N TYR A 21 -3.62 3.36 9.82
CA TYR A 21 -3.74 4.27 8.69
C TYR A 21 -3.47 3.64 7.34
N GLY A 22 -3.17 2.34 7.28
CA GLY A 22 -2.90 1.70 6.01
C GLY A 22 -4.06 1.73 5.04
N ALA A 23 -5.28 1.93 5.54
CA ALA A 23 -6.46 1.96 4.69
C ALA A 23 -7.57 2.83 5.26
N TYR A 24 -7.21 3.90 5.97
CA TYR A 24 -8.20 4.76 6.62
C TYR A 24 -8.85 5.67 5.59
N GLY A 25 -10.17 5.56 5.45
CA GLY A 25 -10.91 6.50 4.63
C GLY A 25 -10.59 6.36 3.15
N CYS A 26 -10.51 7.51 2.48
CA CYS A 26 -10.31 7.57 1.05
C CYS A 26 -8.90 7.95 0.64
N ASN A 27 -8.06 8.38 1.59
CA ASN A 27 -6.76 8.94 1.26
C ASN A 27 -5.59 8.36 2.06
N CYS A 28 -5.83 7.70 3.19
CA CYS A 28 -4.74 7.21 4.02
C CYS A 28 -4.29 5.83 3.55
N GLY A 29 -2.99 5.69 3.33
CA GLY A 29 -2.42 4.40 2.98
C GLY A 29 -2.57 4.02 1.53
N VAL A 30 -3.50 3.09 1.25
CA VAL A 30 -3.75 2.53 -0.07
C VAL A 30 -3.75 3.62 -1.15
N LEU A 31 -3.11 3.34 -2.28
CA LEU A 31 -2.97 4.31 -3.37
C LEU A 31 -4.32 4.91 -3.73
N GLY A 32 -4.32 6.21 -4.04
CA GLY A 32 -5.51 6.87 -4.53
C GLY A 32 -5.97 8.00 -3.65
N ARG A 33 -6.70 8.95 -4.24
CA ARG A 33 -7.25 10.08 -3.52
C ARG A 33 -8.76 10.12 -3.69
N GLY A 34 -9.42 10.84 -2.79
CA GLY A 34 -10.85 11.02 -2.85
C GLY A 34 -11.29 12.08 -1.87
N LYS A 35 -12.56 12.44 -1.96
CA LYS A 35 -13.13 13.40 -1.03
C LYS A 35 -12.92 12.92 0.40
N PRO A 36 -12.21 13.66 1.24
CA PRO A 36 -11.94 13.18 2.60
C PRO A 36 -13.21 13.03 3.41
N LYS A 37 -13.25 11.98 4.24
CA LYS A 37 -14.41 11.72 5.08
C LYS A 37 -14.37 12.49 6.39
N ASP A 38 -13.18 12.83 6.88
CA ASP A 38 -13.04 13.59 8.11
C ASP A 38 -11.66 14.26 8.11
N ALA A 39 -11.26 14.81 9.26
CA ALA A 39 -10.01 15.53 9.34
C ALA A 39 -8.80 14.61 9.18
N THR A 40 -8.84 13.43 9.81
CA THR A 40 -7.76 12.46 9.65
C THR A 40 -7.59 12.07 8.18
N ASP A 41 -8.71 11.79 7.51
CA ASP A 41 -8.69 11.52 6.08
C ASP A 41 -8.09 12.69 5.30
N ARG A 42 -8.36 13.92 5.74
CA ARG A 42 -7.86 15.09 5.02
C ARG A 42 -6.36 15.27 5.18
N CYS A 43 -5.81 14.87 6.34
CA CYS A 43 -4.35 14.91 6.51
C CYS A 43 -3.65 14.10 5.43
N CYS A 44 -4.17 12.90 5.14
CA CYS A 44 -3.57 12.06 4.12
C CYS A 44 -3.81 12.60 2.71
N TYR A 45 -4.91 13.31 2.50
CA TYR A 45 -5.17 13.92 1.20
C TYR A 45 -4.15 15.01 0.91
N VAL A 46 -3.93 15.91 1.86
CA VAL A 46 -2.87 16.92 1.72
C VAL A 46 -1.53 16.25 1.49
N HIS A 47 -1.28 15.15 2.20
CA HIS A 47 -0.01 14.44 2.08
C HIS A 47 0.22 13.92 0.66
N LYS A 48 -0.82 13.35 0.05
CA LYS A 48 -0.66 12.83 -1.31
C LYS A 48 -0.52 13.95 -2.32
N CYS A 49 -1.17 15.10 -2.08
CA CYS A 49 -0.90 16.26 -2.94
C CYS A 49 0.50 16.79 -2.74
N CYS A 50 1.05 16.66 -1.51
CA CYS A 50 2.44 17.01 -1.27
C CYS A 50 3.37 16.18 -2.14
N TYR A 51 3.14 14.85 -2.16
CA TYR A 51 4.01 13.94 -2.91
C TYR A 51 3.99 14.27 -4.40
N LYS A 52 2.83 14.63 -4.94
CA LYS A 52 2.69 14.80 -6.38
C LYS A 52 3.54 15.94 -6.91
N LYS A 53 3.87 16.93 -6.07
CA LYS A 53 4.73 18.02 -6.48
C LYS A 53 6.16 17.57 -6.75
N LEU A 54 6.58 16.44 -6.18
CA LEU A 54 7.96 15.99 -6.27
C LEU A 54 8.16 15.13 -7.51
N THR A 55 9.23 15.42 -8.26
CA THR A 55 9.61 14.62 -9.41
C THR A 55 11.04 14.11 -9.36
N ASN A 56 11.92 14.76 -8.61
CA ASN A 56 13.34 14.43 -8.63
C ASN A 56 13.72 13.28 -7.70
N CYS A 57 12.76 12.69 -6.99
CA CYS A 57 13.06 11.56 -6.12
C CYS A 57 11.85 10.64 -6.06
N ASN A 58 12.07 9.44 -5.54
CA ASN A 58 11.01 8.45 -5.41
C ASN A 58 10.51 8.42 -3.97
N PRO A 59 9.31 8.91 -3.70
CA PRO A 59 8.86 8.99 -2.29
C PRO A 59 8.77 7.65 -1.60
N LYS A 60 8.40 6.59 -2.32
CA LYS A 60 8.19 5.29 -1.69
C LYS A 60 9.51 4.58 -1.37
N LYS A 61 10.55 4.79 -2.18
CA LYS A 61 11.77 4.00 -2.07
C LYS A 61 12.96 4.75 -1.49
N ASP A 62 13.06 6.06 -1.68
CA ASP A 62 14.29 6.79 -1.37
C ASP A 62 14.35 7.10 0.12
N ARG A 63 15.42 6.65 0.77
CA ARG A 63 15.64 6.92 2.18
C ARG A 63 16.14 8.35 2.38
N TYR A 64 15.83 8.91 3.54
CA TYR A 64 16.36 10.19 3.97
C TYR A 64 16.62 10.11 5.48
N SER A 65 17.40 11.05 5.98
CA SER A 65 17.81 11.07 7.37
C SER A 65 17.07 12.18 8.11
N TYR A 66 16.50 11.84 9.26
CA TYR A 66 15.90 12.82 10.16
C TYR A 66 16.24 12.41 11.57
N ASP A 67 15.87 13.26 12.53
CA ASP A 67 16.28 13.09 13.91
C ASP A 67 15.12 13.44 14.83
N TRP A 68 15.26 13.08 16.10
CA TRP A 68 14.25 13.27 17.13
C TRP A 68 14.87 14.10 18.23
N LYS A 69 14.61 15.41 18.22
CA LYS A 69 15.15 16.34 19.19
C LYS A 69 14.01 17.07 19.89
N ASN A 70 14.05 17.07 21.23
CA ASN A 70 13.01 17.73 22.03
C ASN A 70 11.63 17.20 21.66
N LYS A 71 11.54 15.87 21.49
CA LYS A 71 10.31 15.20 21.09
C LYS A 71 9.71 15.86 19.85
N THR A 72 10.57 16.18 18.89
CA THR A 72 10.16 16.83 17.65
C THR A 72 10.88 16.18 16.49
N ILE A 73 10.14 15.90 15.42
CA ILE A 73 10.75 15.48 14.17
C ILE A 73 11.50 16.65 13.56
N VAL A 74 12.78 16.46 13.29
CA VAL A 74 13.62 17.49 12.69
C VAL A 74 14.28 16.89 11.45
N CYS A 75 13.88 17.34 10.27
CA CYS A 75 14.45 16.87 9.02
C CYS A 75 15.89 17.32 8.84
N GLY A 76 16.75 16.36 8.51
CA GLY A 76 18.10 16.69 8.16
C GLY A 76 18.17 17.50 6.87
N GLU A 77 19.30 18.15 6.68
CA GLU A 77 19.59 18.74 5.37
C GLU A 77 19.92 17.62 4.40
N GLU A 78 19.12 17.48 3.34
CA GLU A 78 19.35 16.43 2.36
C GLU A 78 19.64 17.11 1.03
N ASN A 79 18.92 16.76 -0.03
CA ASN A 79 18.90 17.59 -1.23
C ASN A 79 17.54 18.27 -1.23
N PRO A 80 17.21 19.15 -2.19
CA PRO A 80 15.88 19.79 -2.13
C PRO A 80 14.72 18.81 -2.27
N CYS A 81 14.88 17.73 -3.04
CA CYS A 81 13.80 16.76 -3.17
C CYS A 81 13.60 15.99 -1.86
N LEU A 82 14.66 15.33 -1.37
CA LEU A 82 14.54 14.55 -0.14
C LEU A 82 14.15 15.43 1.05
N LYS A 83 14.61 16.68 1.06
CA LYS A 83 14.20 17.61 2.12
C LYS A 83 12.70 17.87 2.06
N GLN A 84 12.18 18.15 0.86
CA GLN A 84 10.75 18.39 0.71
C GLN A 84 9.95 17.12 1.03
N LEU A 85 10.50 15.96 0.68
CA LEU A 85 9.85 14.70 1.02
C LEU A 85 9.80 14.52 2.54
N CYS A 86 10.89 14.83 3.23
CA CYS A 86 10.88 14.72 4.69
C CYS A 86 9.84 15.67 5.31
N GLU A 87 9.72 16.87 4.75
CA GLU A 87 8.77 17.83 5.31
C GLU A 87 7.34 17.41 5.03
N CYS A 88 7.08 16.76 3.88
CA CYS A 88 5.76 16.19 3.65
C CYS A 88 5.44 15.11 4.68
N ASP A 89 6.39 14.18 4.89
CA ASP A 89 6.17 13.09 5.84
C ASP A 89 6.03 13.61 7.25
N LYS A 90 6.78 14.66 7.60
CA LYS A 90 6.67 15.22 8.94
C LYS A 90 5.29 15.83 9.16
N ALA A 91 4.78 16.56 8.16
CA ALA A 91 3.50 17.24 8.31
C ALA A 91 2.35 16.24 8.44
N VAL A 92 2.42 15.11 7.74
CA VAL A 92 1.33 14.14 7.81
C VAL A 92 1.31 13.46 9.17
N ALA A 93 2.49 13.23 9.77
CA ALA A 93 2.53 12.62 11.09
C ALA A 93 1.96 13.56 12.15
N ILE A 94 2.33 14.84 12.07
CA ILE A 94 1.80 15.83 13.01
C ILE A 94 0.29 15.97 12.85
N CYS A 95 -0.20 16.02 11.61
CA CYS A 95 -1.63 16.20 11.38
C CYS A 95 -2.44 15.03 11.93
N LEU A 96 -1.95 13.81 11.76
CA LEU A 96 -2.66 12.64 12.27
C LEU A 96 -2.72 12.68 13.80
N ARG A 97 -1.62 13.08 14.44
CA ARG A 97 -1.62 13.28 15.89
C ARG A 97 -2.66 14.31 16.29
N GLU A 98 -2.73 15.42 15.56
CA GLU A 98 -3.62 16.52 15.93
C GLU A 98 -5.09 16.11 15.88
N ASN A 99 -5.44 15.17 15.00
CA ASN A 99 -6.83 14.80 14.76
C ASN A 99 -7.16 13.42 15.31
N LYS A 100 -6.38 12.93 16.28
CA LYS A 100 -6.68 11.65 16.90
C LYS A 100 -8.03 11.69 17.63
N GLY A 101 -8.42 12.86 18.13
CA GLY A 101 -9.65 12.95 18.91
C GLY A 101 -10.90 12.60 18.12
N THR A 102 -10.84 12.73 16.80
CA THR A 102 -11.97 12.38 15.94
C THR A 102 -11.69 11.14 15.10
N TYR A 103 -10.68 10.36 15.46
CA TYR A 103 -10.39 9.12 14.74
C TYR A 103 -11.60 8.21 14.80
N ASN A 104 -12.07 7.77 13.63
CA ASN A 104 -13.30 6.99 13.49
C ASN A 104 -12.94 5.61 12.97
N LYS A 105 -12.97 4.61 13.86
CA LYS A 105 -12.63 3.24 13.47
C LYS A 105 -13.64 2.62 12.52
N LYS A 106 -14.70 3.34 12.15
CA LYS A 106 -15.56 2.88 11.06
C LYS A 106 -14.91 3.01 9.70
N ARG A 107 -13.70 3.55 9.61
CA ARG A 107 -13.16 4.04 8.34
C ARG A 107 -11.81 3.46 7.93
N ASP A 108 -11.32 2.41 8.58
CA ASP A 108 -9.97 1.92 8.25
C ASP A 108 -10.05 0.63 7.41
N VAL A 109 -10.59 0.74 6.19
CA VAL A 109 -10.63 -0.40 5.24
C VAL A 109 -10.47 0.11 3.81
N TYR A 110 -9.92 -0.77 2.97
CA TYR A 110 -9.14 -0.57 1.75
C TYR A 110 -9.94 -0.71 0.44
N LEU A 111 -11.18 -1.19 0.51
CA LEU A 111 -12.00 -1.30 -0.69
C LEU A 111 -12.51 0.06 -1.16
N LYS A 112 -12.09 1.14 -0.50
CA LYS A 112 -12.67 2.45 -0.64
C LYS A 112 -14.18 2.36 -0.54
N PRO A 113 -14.73 2.03 0.65
CA PRO A 113 -16.17 2.19 0.85
C PRO A 113 -16.56 3.61 0.46
N PHE A 114 -17.61 3.68 -0.35
CA PHE A 114 -17.49 4.36 -1.63
C PHE A 114 -17.21 5.84 -1.49
N CYS A 115 -16.01 6.20 -1.97
CA CYS A 115 -15.46 7.53 -1.98
C CYS A 115 -15.82 8.26 -3.27
N ASP A 116 -15.99 9.57 -3.16
CA ASP A 116 -16.21 10.39 -4.34
C ASP A 116 -14.87 10.89 -4.87
N LYS A 117 -14.88 11.29 -6.14
CA LYS A 117 -13.67 11.77 -6.79
C LYS A 117 -13.16 13.02 -6.08
N GLY A 118 -11.88 13.02 -5.74
CA GLY A 118 -11.32 14.12 -4.98
C GLY A 118 -11.14 15.37 -5.81
N ARG A 119 -11.06 16.49 -5.10
CA ARG A 119 -10.78 17.75 -5.77
C ARG A 119 -9.30 17.83 -6.13
N ASP A 120 -9.01 18.64 -7.14
CA ASP A 120 -7.67 18.69 -7.70
C ASP A 120 -6.67 19.20 -6.68
N CYS A 121 -5.46 18.65 -6.73
CA CYS A 121 -4.38 19.10 -5.86
C CYS A 121 -3.94 20.50 -6.22
N SER B 1 -6.47 -2.62 -9.86
CA SER B 1 -5.87 -1.89 -8.75
C SER B 1 -6.06 -2.65 -7.45
N LEU B 2 -5.62 -2.06 -6.34
CA LEU B 2 -5.72 -2.75 -5.05
C LEU B 2 -7.17 -2.96 -4.63
N VAL B 3 -8.08 -2.11 -5.11
CA VAL B 3 -9.50 -2.28 -4.78
C VAL B 3 -9.99 -3.66 -5.20
N GLU B 4 -9.63 -4.08 -6.41
CA GLU B 4 -10.02 -5.41 -6.88
C GLU B 4 -9.12 -6.49 -6.29
N LEU B 5 -7.81 -6.26 -6.32
CA LEU B 5 -6.87 -7.27 -5.83
C LEU B 5 -7.05 -7.52 -4.34
N GLY B 6 -7.11 -6.45 -3.54
CA GLY B 6 -7.33 -6.61 -2.12
C GLY B 6 -8.66 -7.26 -1.80
N LYS B 7 -9.67 -7.00 -2.62
CA LYS B 7 -10.97 -7.65 -2.40
C LYS B 7 -10.90 -9.14 -2.69
N MET B 8 -10.21 -9.52 -3.78
CA MET B 8 -10.04 -10.94 -4.09
C MET B 8 -9.31 -11.66 -2.97
N ILE B 9 -8.23 -11.07 -2.46
CA ILE B 9 -7.48 -11.70 -1.36
C ILE B 9 -8.37 -11.86 -0.14
N LEU B 10 -9.16 -10.83 0.18
CA LEU B 10 -10.10 -10.93 1.29
C LEU B 10 -11.10 -12.05 1.07
N GLN B 11 -11.63 -12.14 -0.16
CA GLN B 11 -12.65 -13.13 -0.45
C GLN B 11 -12.08 -14.55 -0.39
N GLU B 12 -10.85 -14.75 -0.84
CA GLU B 12 -10.28 -16.09 -0.90
C GLU B 12 -9.67 -16.51 0.44
N THR B 13 -8.92 -15.61 1.08
CA THR B 13 -8.18 -15.95 2.29
C THR B 13 -8.86 -15.52 3.57
N GLY B 14 -9.73 -14.51 3.53
CA GLY B 14 -10.33 -13.97 4.73
C GLY B 14 -9.43 -13.04 5.52
N LYS B 15 -8.24 -12.74 5.02
CA LYS B 15 -7.29 -11.88 5.72
C LYS B 15 -7.35 -10.46 5.18
N ASN B 16 -7.00 -9.50 6.05
CA ASN B 16 -6.79 -8.12 5.66
C ASN B 16 -5.61 -8.05 4.70
N PRO B 17 -5.84 -7.70 3.43
CA PRO B 17 -4.73 -7.74 2.46
C PRO B 17 -3.64 -6.72 2.76
N VAL B 18 -4.00 -5.56 3.32
CA VAL B 18 -3.01 -4.53 3.61
C VAL B 18 -2.12 -4.95 4.77
N LYS B 19 -2.74 -5.46 5.84
CA LYS B 19 -1.97 -5.80 7.04
C LYS B 19 -1.27 -7.14 6.91
N SER B 20 -1.85 -8.08 6.17
CA SER B 20 -1.28 -9.42 6.07
C SER B 20 -0.32 -9.59 4.91
N TYR B 21 -0.52 -8.87 3.80
CA TYR B 21 0.33 -8.99 2.62
C TYR B 21 0.90 -7.66 2.15
N GLY B 22 0.76 -6.59 2.92
CA GLY B 22 1.33 -5.32 2.49
C GLY B 22 2.84 -5.32 2.45
N ALA B 23 3.49 -6.22 3.20
CA ALA B 23 4.94 -6.29 3.22
C ALA B 23 5.43 -7.66 3.67
N TYR B 24 4.95 -8.71 3.02
CA TYR B 24 5.29 -10.07 3.41
C TYR B 24 6.44 -10.59 2.56
N GLY B 25 7.52 -11.02 3.22
CA GLY B 25 8.62 -11.63 2.52
C GLY B 25 9.33 -10.64 1.60
N CYS B 26 9.71 -11.12 0.42
CA CYS B 26 10.41 -10.31 -0.55
C CYS B 26 9.55 -9.88 -1.73
N ASN B 27 8.34 -10.44 -1.88
CA ASN B 27 7.53 -10.21 -3.06
C ASN B 27 6.11 -9.74 -2.79
N CYS B 28 5.57 -9.93 -1.59
CA CYS B 28 4.19 -9.57 -1.31
C CYS B 28 4.11 -8.09 -0.90
N GLY B 29 3.20 -7.36 -1.55
CA GLY B 29 3.01 -5.96 -1.26
C GLY B 29 3.57 -5.05 -2.33
N VAL B 30 4.19 -3.95 -1.92
CA VAL B 30 4.87 -3.07 -2.85
C VAL B 30 6.35 -3.40 -2.81
N LEU B 31 7.20 -2.46 -3.24
CA LEU B 31 8.65 -2.59 -3.16
C LEU B 31 9.18 -3.78 -3.96
N GLY B 32 8.44 -4.20 -4.99
CA GLY B 32 9.02 -5.06 -6.00
C GLY B 32 9.24 -6.52 -5.60
N ARG B 33 10.21 -7.12 -6.28
CA ARG B 33 10.45 -8.56 -6.25
C ARG B 33 11.74 -8.89 -5.51
N GLY B 34 11.98 -10.20 -5.40
CA GLY B 34 13.15 -10.74 -4.73
C GLY B 34 12.99 -12.24 -4.66
N LYS B 35 14.09 -12.91 -4.35
CA LYS B 35 14.06 -14.37 -4.28
C LYS B 35 13.11 -14.79 -3.15
N PRO B 36 12.11 -15.63 -3.44
CA PRO B 36 11.04 -15.86 -2.46
C PRO B 36 11.51 -16.66 -1.25
N LYS B 37 10.95 -16.31 -0.09
CA LYS B 37 11.31 -16.96 1.16
C LYS B 37 10.54 -18.25 1.37
N ASP B 38 9.26 -18.28 1.00
CA ASP B 38 8.39 -19.41 1.29
C ASP B 38 7.40 -19.57 0.15
N ALA B 39 6.40 -20.43 0.37
CA ALA B 39 5.38 -20.65 -0.65
C ALA B 39 4.49 -19.43 -0.83
N THR B 40 4.11 -18.79 0.28
CA THR B 40 3.34 -17.55 0.20
C THR B 40 4.10 -16.50 -0.61
N ASP B 41 5.39 -16.31 -0.30
CA ASP B 41 6.21 -15.36 -1.05
C ASP B 41 6.30 -15.74 -2.52
N ARG B 42 6.28 -17.04 -2.82
CA ARG B 42 6.38 -17.48 -4.21
C ARG B 42 5.13 -17.12 -5.00
N CYS B 43 3.96 -17.17 -4.36
CA CYS B 43 2.74 -16.74 -5.03
C CYS B 43 2.85 -15.29 -5.48
N CYS B 44 3.30 -14.42 -4.57
CA CYS B 44 3.46 -13.00 -4.92
C CYS B 44 4.55 -12.81 -5.97
N TYR B 45 5.56 -13.67 -5.99
CA TYR B 45 6.58 -13.62 -7.05
C TYR B 45 5.94 -13.91 -8.40
N VAL B 46 5.21 -15.02 -8.50
CA VAL B 46 4.43 -15.33 -9.70
C VAL B 46 3.59 -14.14 -10.12
N HIS B 47 2.95 -13.50 -9.14
CA HIS B 47 2.00 -12.43 -9.42
C HIS B 47 2.68 -11.22 -10.06
N LYS B 48 3.79 -10.77 -9.46
CA LYS B 48 4.45 -9.58 -9.98
C LYS B 48 5.05 -9.82 -11.37
N CYS B 49 5.44 -11.06 -11.68
CA CYS B 49 5.88 -11.37 -13.03
C CYS B 49 4.70 -11.39 -14.01
N CYS B 50 3.51 -11.78 -13.54
CA CYS B 50 2.29 -11.62 -14.34
C CYS B 50 2.09 -10.15 -14.70
N TYR B 51 2.16 -9.28 -13.68
CA TYR B 51 1.99 -7.84 -13.89
C TYR B 51 2.95 -7.31 -14.94
N LYS B 52 4.21 -7.75 -14.90
CA LYS B 52 5.23 -7.14 -15.74
C LYS B 52 4.99 -7.41 -17.22
N LYS B 53 4.33 -8.51 -17.56
CA LYS B 53 4.00 -8.76 -18.96
C LYS B 53 2.90 -7.83 -19.46
N LEU B 54 2.16 -7.19 -18.55
CA LEU B 54 1.11 -6.26 -18.93
C LEU B 54 1.71 -4.88 -19.13
N THR B 55 1.49 -4.31 -20.32
CA THR B 55 1.98 -2.97 -20.62
C THR B 55 0.91 -2.05 -21.20
N ASN B 56 -0.21 -2.56 -21.68
CA ASN B 56 -1.28 -1.74 -22.25
C ASN B 56 -2.24 -1.21 -21.20
N CYS B 57 -2.11 -1.65 -19.95
CA CYS B 57 -2.90 -1.12 -18.85
C CYS B 57 -1.97 -0.89 -17.66
N ASN B 58 -2.51 -0.27 -16.61
CA ASN B 58 -1.74 0.03 -15.40
C ASN B 58 -2.32 -0.76 -14.23
N PRO B 59 -1.67 -1.85 -13.82
CA PRO B 59 -2.21 -2.64 -12.69
C PRO B 59 -2.39 -1.84 -11.41
N LYS B 60 -1.61 -0.78 -11.21
CA LYS B 60 -1.68 -0.03 -9.96
C LYS B 60 -2.97 0.76 -9.85
N LYS B 61 -3.41 1.38 -10.95
CA LYS B 61 -4.51 2.34 -10.90
C LYS B 61 -5.75 1.92 -11.68
N ASP B 62 -5.62 1.02 -12.65
CA ASP B 62 -6.77 0.69 -13.49
C ASP B 62 -7.77 -0.17 -12.74
N ARG B 63 -9.04 0.17 -12.87
CA ARG B 63 -10.13 -0.59 -12.29
C ARG B 63 -10.71 -1.53 -13.32
N TYR B 64 -11.36 -2.59 -12.83
CA TYR B 64 -12.02 -3.57 -13.68
C TYR B 64 -13.09 -4.26 -12.85
N SER B 65 -13.97 -4.97 -13.53
CA SER B 65 -15.10 -5.61 -12.87
C SER B 65 -14.91 -7.12 -12.84
N TYR B 66 -15.51 -7.72 -11.82
CA TYR B 66 -15.62 -9.16 -11.68
C TYR B 66 -16.79 -9.41 -10.73
N ASP B 67 -17.17 -10.68 -10.61
CA ASP B 67 -18.26 -11.02 -9.70
C ASP B 67 -17.93 -12.30 -8.96
N TRP B 68 -18.71 -12.55 -7.93
CA TRP B 68 -18.53 -13.65 -7.00
C TRP B 68 -19.74 -14.58 -7.20
N LYS B 69 -19.52 -15.69 -7.90
CA LYS B 69 -20.58 -16.63 -8.22
C LYS B 69 -20.17 -18.00 -7.71
N ASN B 70 -21.03 -18.61 -6.90
CA ASN B 70 -20.74 -19.90 -6.27
C ASN B 70 -19.40 -19.86 -5.55
N LYS B 71 -19.14 -18.75 -4.86
CA LYS B 71 -17.92 -18.55 -4.08
C LYS B 71 -16.67 -18.72 -4.94
N THR B 72 -16.73 -18.19 -6.16
CA THR B 72 -15.61 -18.22 -7.08
C THR B 72 -15.49 -16.87 -7.77
N ILE B 73 -14.25 -16.38 -7.89
CA ILE B 73 -13.99 -15.13 -8.61
C ILE B 73 -14.18 -15.37 -10.10
N VAL B 74 -15.11 -14.65 -10.71
CA VAL B 74 -15.40 -14.77 -12.14
C VAL B 74 -15.03 -13.44 -12.78
N CYS B 75 -13.93 -13.43 -13.52
CA CYS B 75 -13.51 -12.21 -14.19
C CYS B 75 -14.48 -11.85 -15.29
N GLY B 76 -14.84 -10.58 -15.37
CA GLY B 76 -15.70 -10.13 -16.42
C GLY B 76 -14.94 -9.88 -17.71
N GLU B 77 -15.70 -9.78 -18.79
CA GLU B 77 -15.13 -9.26 -20.03
C GLU B 77 -14.88 -7.77 -19.85
N GLU B 78 -13.63 -7.36 -20.02
CA GLU B 78 -13.30 -5.95 -20.01
C GLU B 78 -12.76 -5.61 -21.39
N ASN B 79 -11.46 -5.53 -21.55
CA ASN B 79 -10.70 -5.65 -22.80
C ASN B 79 -9.61 -6.67 -22.46
N PRO B 80 -8.74 -7.06 -23.39
CA PRO B 80 -7.76 -8.11 -23.06
C PRO B 80 -6.78 -7.74 -21.94
N CYS B 81 -6.28 -6.51 -21.91
CA CYS B 81 -5.33 -6.15 -20.85
C CYS B 81 -5.99 -6.25 -19.48
N LEU B 82 -7.18 -5.67 -19.34
CA LEU B 82 -7.85 -5.69 -18.04
C LEU B 82 -8.29 -7.10 -17.68
N LYS B 83 -8.70 -7.91 -18.66
CA LYS B 83 -9.05 -9.29 -18.37
C LYS B 83 -7.82 -10.11 -17.97
N GLN B 84 -6.69 -9.85 -18.64
CA GLN B 84 -5.45 -10.50 -18.24
C GLN B 84 -5.05 -10.11 -16.82
N LEU B 85 -5.28 -8.84 -16.46
CA LEU B 85 -4.92 -8.37 -15.13
C LEU B 85 -5.82 -8.99 -14.07
N CYS B 86 -7.13 -9.02 -14.34
CA CYS B 86 -8.07 -9.74 -13.48
C CYS B 86 -7.62 -11.18 -13.22
N GLU B 87 -7.12 -11.87 -14.25
CA GLU B 87 -6.71 -13.25 -14.08
C GLU B 87 -5.45 -13.36 -13.22
N CYS B 88 -4.52 -12.42 -13.36
CA CYS B 88 -3.35 -12.39 -12.47
C CYS B 88 -3.80 -12.23 -11.02
N ASP B 89 -4.71 -11.29 -10.77
CA ASP B 89 -5.17 -11.04 -9.41
C ASP B 89 -5.93 -12.24 -8.84
N LYS B 90 -6.74 -12.89 -9.68
CA LYS B 90 -7.46 -14.08 -9.22
C LYS B 90 -6.49 -15.20 -8.87
N ALA B 91 -5.46 -15.38 -9.69
CA ALA B 91 -4.50 -16.47 -9.47
C ALA B 91 -3.78 -16.31 -8.13
N VAL B 92 -3.35 -15.08 -7.81
CA VAL B 92 -2.58 -14.89 -6.58
C VAL B 92 -3.48 -15.00 -5.36
N ALA B 93 -4.75 -14.61 -5.47
CA ALA B 93 -5.66 -14.73 -4.33
C ALA B 93 -5.89 -16.19 -3.97
N ILE B 94 -6.06 -17.05 -4.99
CA ILE B 94 -6.24 -18.47 -4.75
C ILE B 94 -4.95 -19.09 -4.21
N CYS B 95 -3.81 -18.69 -4.78
CA CYS B 95 -2.51 -19.21 -4.34
C CYS B 95 -2.27 -18.91 -2.86
N LEU B 96 -2.52 -17.67 -2.43
CA LEU B 96 -2.30 -17.31 -1.04
C LEU B 96 -3.21 -18.11 -0.12
N ARG B 97 -4.47 -18.33 -0.52
CA ARG B 97 -5.37 -19.17 0.24
C ARG B 97 -4.80 -20.57 0.42
N GLU B 98 -4.26 -21.14 -0.65
CA GLU B 98 -3.78 -22.52 -0.60
C GLU B 98 -2.51 -22.68 0.22
N ASN B 99 -1.76 -21.59 0.45
CA ASN B 99 -0.55 -21.65 1.24
C ASN B 99 -0.71 -20.95 2.59
N LYS B 100 -1.94 -20.80 3.07
CA LYS B 100 -2.15 -20.30 4.42
C LYS B 100 -1.55 -21.25 5.45
N GLY B 101 -1.48 -22.55 5.13
CA GLY B 101 -0.96 -23.52 6.07
C GLY B 101 0.47 -23.23 6.50
N THR B 102 1.23 -22.50 5.68
CA THR B 102 2.62 -22.19 5.99
C THR B 102 2.91 -20.70 6.06
N TYR B 103 1.87 -19.86 6.11
CA TYR B 103 2.07 -18.44 6.35
C TYR B 103 2.83 -18.22 7.66
N ASN B 104 3.91 -17.45 7.60
CA ASN B 104 4.79 -17.24 8.74
C ASN B 104 4.78 -15.77 9.11
N LYS B 105 4.38 -15.47 10.35
CA LYS B 105 4.29 -14.10 10.83
C LYS B 105 5.66 -13.45 10.98
N LYS B 106 6.73 -14.22 10.73
CA LYS B 106 8.08 -13.70 10.94
C LYS B 106 8.47 -12.63 9.93
N ARG B 107 7.75 -12.49 8.81
CA ARG B 107 8.26 -11.75 7.65
C ARG B 107 7.21 -10.76 7.15
N ASP B 108 6.94 -9.71 7.93
CA ASP B 108 5.86 -8.78 7.59
C ASP B 108 6.30 -7.32 7.54
N VAL B 109 7.54 -7.02 7.12
CA VAL B 109 7.95 -5.61 7.17
C VAL B 109 8.76 -5.13 5.96
N TYR B 110 9.29 -3.91 6.09
CA TYR B 110 9.51 -2.99 4.98
C TYR B 110 10.96 -2.70 4.66
N LEU B 111 11.91 -3.19 5.45
CA LEU B 111 13.32 -2.91 5.19
C LEU B 111 13.95 -3.91 4.22
N LYS B 112 13.44 -5.15 4.20
CA LYS B 112 13.94 -6.21 3.34
C LYS B 112 15.46 -6.40 3.44
N PRO B 113 16.01 -6.61 4.64
CA PRO B 113 17.47 -6.65 4.77
C PRO B 113 18.11 -7.87 4.15
N PHE B 114 17.40 -9.00 4.05
CA PHE B 114 17.99 -10.25 3.58
C PHE B 114 17.51 -10.66 2.19
N CYS B 115 16.71 -9.82 1.53
CA CYS B 115 16.18 -10.20 0.23
C CYS B 115 17.26 -10.10 -0.84
N ASP B 116 17.45 -11.18 -1.59
CA ASP B 116 18.39 -11.18 -2.69
C ASP B 116 17.75 -10.61 -3.95
N LYS B 117 18.59 -10.24 -4.91
CA LYS B 117 18.10 -9.73 -6.18
C LYS B 117 17.44 -10.86 -6.97
N GLY B 118 16.21 -10.62 -7.43
CA GLY B 118 15.47 -11.65 -8.12
C GLY B 118 15.94 -11.83 -9.56
N ARG B 119 15.75 -13.05 -10.05
CA ARG B 119 16.05 -13.33 -11.45
C ARG B 119 14.98 -12.71 -12.34
N ASP B 120 15.36 -12.50 -13.61
CA ASP B 120 14.43 -11.95 -14.60
C ASP B 120 13.22 -12.86 -14.75
N CYS B 121 12.07 -12.23 -15.03
CA CYS B 121 10.87 -13.01 -15.36
C CYS B 121 10.95 -13.46 -16.81
O1 PE4 C . -1.24 7.83 3.99
C1 PE4 C . -0.42 7.96 5.12
C2 PE4 C . -0.54 6.72 5.98
O2 PE4 C . 0.08 5.65 5.34
C3 PE4 C . -0.06 4.42 6.00
C4 PE4 C . 1.09 4.23 6.95
O3 PE4 C . 2.32 4.30 6.21
C5 PE4 C . 2.95 3.04 6.00
C6 PE4 C . 4.40 3.11 6.43
O4 PE4 C . 4.58 2.22 7.53
C7 PE4 C . 5.36 1.08 7.22
C8 PE4 C . 5.91 0.46 8.54
O5 PE4 C . 6.87 1.35 9.10
C9 PE4 C . 6.91 1.30 10.55
C10 PE4 C . 8.32 1.66 11.04
O6 PE4 C . 8.41 1.39 12.44
O1 PE4 D . -17.60 -3.14 -2.12
C1 PE4 D . -16.29 -3.24 -2.59
C2 PE4 D . -16.16 -2.47 -3.89
O2 PE4 D . -15.37 -3.18 -4.77
C3 PE4 D . -16.05 -3.65 -5.90
C4 PE4 D . -15.13 -4.52 -6.75
O3 PE4 D . -15.88 -5.56 -7.37
C5 PE4 D . -16.23 -6.62 -6.48
C6 PE4 D . -17.31 -7.51 -7.10
O4 PE4 D . -18.20 -7.96 -6.08
C7 PE4 D . -17.70 -9.03 -5.29
C8 PE4 D . -18.74 -9.40 -4.18
O5 PE4 D . -18.30 -8.91 -2.92
C9 PE4 D . -18.75 -9.69 -1.78
C10 PE4 D . -17.54 -10.02 -0.87
O6 PE4 D . -17.53 -11.42 -0.57
O35 SVR E . -4.98 7.27 -10.06
S31 SVR E . -4.11 8.54 -9.86
O36 SVR E . -3.75 8.89 -11.28
O34 SVR E . -4.89 9.65 -9.18
C22 SVR E . -2.61 8.14 -8.89
C18 SVR E . -2.60 8.45 -7.49
C11 SVR E . -1.50 8.18 -6.73
S17 SVR E . -1.63 8.63 -4.94
O23 SVR E . -0.43 9.39 -4.46
O24 SVR E . -1.64 7.41 -4.05
O25 SVR E . -2.88 9.42 -4.74
C16 SVR E . -1.51 7.57 -9.47
C10 SVR E . -0.36 7.27 -8.69
C15 SVR E . 0.72 6.71 -9.28
S21 SVR E . 0.67 6.32 -11.10
O28 SVR E . 1.96 5.69 -11.55
O29 SVR E . 0.63 7.59 -11.93
O30 SVR E . -0.51 5.42 -11.40
C12 SVR E . 1.87 6.41 -8.54
C7 SVR E . 1.90 6.71 -7.19
C6 SVR E . -0.33 7.57 -7.33
C3 SVR E . 0.83 7.27 -6.59
N1 SVR E . 0.89 7.56 -5.20
C2 SVR E . 1.15 6.49 -4.28
O4 SVR E . 1.29 5.37 -4.65
C5 SVR E . 1.21 6.79 -2.75
C8 SVR E . 0.94 5.74 -1.90
C9 SVR E . 1.51 8.04 -2.26
C14 SVR E . 1.54 8.24 -0.86
C20 SVR E . 1.26 7.19 0.00
C27 SVR E . 1.29 7.41 1.50
C13 SVR E . 0.96 5.93 -0.54
N19 SVR E . 0.64 4.68 0.30
C26 SVR E . 1.65 4.03 1.13
O32 SVR E . 2.75 4.46 1.21
C33 SVR E . 1.18 2.76 1.89
C37 SVR E . 0.43 1.86 1.15
C38 SVR E . 1.47 2.50 3.21
C40 SVR E . 1.00 1.32 3.80
C42 SVR E . 0.25 0.41 3.07
C39 SVR E . -0.04 0.69 1.73
N41 SVR E . -0.84 -0.23 0.88
C43 SVR E . -0.37 -1.54 0.47
O45 SVR E . 0.69 -1.94 0.80
N44 SVR E . -1.30 -2.34 -0.39
C46 SVR E . -1.02 -3.75 -0.96
C47 SVR E . -0.64 -3.85 -2.28
C48 SVR E . -1.16 -4.90 -0.18
C50 SVR E . -0.89 -6.14 -0.76
C52 SVR E . -0.51 -6.25 -2.08
C49 SVR E . -0.39 -5.10 -2.85
C51 SVR E . 0.03 -5.09 -4.31
O54 SVR E . 0.52 -6.08 -4.85
N53 SVR E . -0.20 -3.83 -5.03
C55 SVR E . 0.17 -3.62 -6.46
C56 SVR E . 1.49 -3.83 -6.85
C57 SVR E . -0.79 -3.19 -7.40
C59 SVR E . -2.28 -2.94 -6.96
C60 SVR E . -0.41 -2.99 -8.72
C62 SVR E . 0.92 -3.19 -9.13
C58 SVR E . 1.86 -3.60 -8.20
C61 SVR E . 3.34 -3.88 -8.60
O64 SVR E . 4.00 -4.60 -7.88
N63 SVR E . 4.00 -3.31 -9.83
C65 SVR E . 5.38 -3.81 -9.94
C67 SVR E . 5.51 -5.03 -10.62
C70 SVR E . 6.76 -5.63 -10.77
C71 SVR E . 7.88 -5.01 -10.23
S75 SVR E . 9.55 -5.79 -10.42
O80 SVR E . 10.07 -6.29 -9.08
O81 SVR E . 10.51 -4.82 -11.06
O82 SVR E . 9.47 -7.10 -11.22
C66 SVR E . 6.51 -3.18 -9.36
C68 SVR E . 7.75 -3.80 -9.53
C72 SVR E . 8.94 -3.21 -9.01
C69 SVR E . 6.44 -1.95 -8.65
S73 SVR E . 4.96 -1.04 -8.36
O77 SVR E . 5.29 0.41 -8.23
O78 SVR E . 4.07 -1.00 -9.56
O79 SVR E . 4.25 -1.54 -7.12
C74 SVR E . 7.61 -1.38 -8.14
C76 SVR E . 8.86 -2.01 -8.31
S83 SVR E . 10.40 -1.21 -7.59
O85 SVR E . 10.69 -1.76 -6.22
O86 SVR E . 10.24 0.29 -7.57
O84 SVR E . 11.64 -1.65 -8.34
#